data_9E5O
#
_entry.id   9E5O
#
_cell.length_a   41.195
_cell.length_b   77.898
_cell.length_c   80.263
_cell.angle_alpha   90.00
_cell.angle_beta   90.01
_cell.angle_gamma   90.00
#
_symmetry.space_group_name_H-M   'P 1 21 1'
#
loop_
_entity.id
_entity.type
_entity.pdbx_description
1 polymer 'RNA (76-MER)'
2 non-polymer ethynyl-pyrene-cobalamin
3 non-polymer N-methylpropane-1,3-diamine
4 non-polymer 2-AMINO-2-HYDROXYMETHYL-PROPANE-1,3-DIOL
5 non-polymer 'MAGNESIUM ION'
6 non-polymer 'POTASSIUM ION'
7 water water
#
_entity_poly.entity_id   1
_entity_poly.type   'polyribonucleotide'
_entity_poly.pdbx_seq_one_letter_code
;(GTP)GUAAAAGCAUAGUGGGAAAGUGACGUGAAAUUCGUCCACACGAAAGUAAGGUCAUAGUCCGAAUGCCACCUACCA
;
_entity_poly.pdbx_strand_id   A,B
#